data_4KE4
#
_entry.id   4KE4
#
_cell.length_a   135.947
_cell.length_b   135.947
_cell.length_c   64.039
_cell.angle_alpha   90.00
_cell.angle_beta   90.00
_cell.angle_gamma   120.00
#
_symmetry.space_group_name_H-M   'P 65'
#
loop_
_entity.id
_entity.type
_entity.pdbx_description
1 polymer 'Hydroxycinnamoyl-CoA:shikimate hydroxycinnamoyl transferase'
2 non-polymer 'TETRAETHYLENE GLYCOL'
3 non-polymer GLYCEROL
4 water water
#
_entity_poly.entity_id   1
_entity_poly.type   'polypeptide(L)'
_entity_poly.pdbx_seq_one_letter_code
;MKITVRGSEMVYPAAETPRRRLWNSGPDLVVPRFHTPSVYFFRRRDADGNDLTAADGSFFDGARMRRALAEALVPFYPMA
GRLARDEDGRVEIDCNAAGVLFQEADAPDATIDYFGDFAPTMELKRLIPTVDFSDDTAFPLLVLQVTHFKCGGVAIGVGM
QHHVADGFSGLHFINSWADLCRGVPIAVMPFIDRSLLRARDPPAPVYPHVEYQPAPAMLSSEPPQAALTAKPATPPAAVA
IFKLSRAELGRLRSQVPAREREGAPRFSTYAVLAAHVWRCASLARGLPADQPTKLYCATDGRQRLQPPLPEGYFGNVIFT
ATPLANAGTVTAGVAEGAAVIQAALDRMDDGYCRSALDYLELQPDLSALVRGAHTFRCPNLGLTSWVRLPIHDADFGWGR
PVFMGPGGIAYEGLAFVLPSANRDGSLSVAISLQAEHMEKFRKLIYDF
;
_entity_poly.pdbx_strand_id   A
#
# COMPACT_ATOMS: atom_id res chain seq x y z
N MET A 1 6.35 -22.56 10.04
CA MET A 1 5.11 -23.32 10.15
C MET A 1 4.84 -24.09 8.87
N LYS A 2 3.96 -25.09 8.95
CA LYS A 2 3.69 -25.97 7.84
C LYS A 2 2.42 -25.55 7.09
N ILE A 3 2.59 -25.18 5.82
CA ILE A 3 1.45 -24.82 4.98
C ILE A 3 1.50 -25.63 3.70
N THR A 4 0.40 -26.30 3.37
CA THR A 4 0.32 -27.02 2.11
C THR A 4 -0.75 -26.41 1.21
N VAL A 5 -0.45 -26.26 -0.07
CA VAL A 5 -1.43 -25.82 -1.04
C VAL A 5 -2.33 -26.99 -1.38
N ARG A 6 -3.63 -26.83 -1.23
CA ARG A 6 -4.54 -27.93 -1.47
C ARG A 6 -5.29 -27.79 -2.77
N GLY A 7 -5.12 -26.63 -3.41
CA GLY A 7 -5.82 -26.35 -4.65
C GLY A 7 -5.37 -25.04 -5.25
N SER A 8 -5.22 -25.01 -6.57
CA SER A 8 -4.82 -23.78 -7.26
C SER A 8 -5.27 -23.80 -8.71
N GLU A 9 -6.11 -22.84 -9.06
CA GLU A 9 -6.57 -22.74 -10.42
C GLU A 9 -6.66 -21.28 -10.85
N MET A 10 -6.46 -21.06 -12.14
CA MET A 10 -6.74 -19.77 -12.73
C MET A 10 -8.25 -19.54 -12.77
N VAL A 11 -8.68 -18.34 -12.43
CA VAL A 11 -10.09 -17.98 -12.49
C VAL A 11 -10.25 -16.94 -13.60
N TYR A 12 -11.27 -17.11 -14.44
CA TYR A 12 -11.49 -16.24 -15.61
C TYR A 12 -12.77 -15.47 -15.41
N PRO A 13 -12.95 -14.35 -16.12
CA PRO A 13 -14.18 -13.56 -15.94
C PRO A 13 -15.43 -14.37 -16.31
N ALA A 14 -16.52 -14.14 -15.59
CA ALA A 14 -17.76 -14.94 -15.73
C ALA A 14 -18.55 -14.62 -16.99
N ALA A 15 -18.10 -13.62 -17.75
CA ALA A 15 -18.78 -13.23 -18.98
C ALA A 15 -17.80 -12.66 -19.99
N GLU A 16 -18.29 -12.36 -21.19
CA GLU A 16 -17.45 -11.76 -22.22
C GLU A 16 -17.00 -10.39 -21.74
N THR A 17 -15.73 -10.08 -21.97
CA THR A 17 -15.20 -8.77 -21.59
C THR A 17 -14.42 -8.18 -22.75
N PRO A 18 -14.30 -6.84 -22.78
CA PRO A 18 -13.61 -6.17 -23.89
C PRO A 18 -12.18 -6.68 -24.06
N ARG A 19 -11.83 -7.08 -25.29
CA ARG A 19 -10.45 -7.43 -25.59
C ARG A 19 -9.77 -6.19 -26.21
N ARG A 20 -8.72 -5.71 -25.57
CA ARG A 20 -8.13 -4.42 -25.90
C ARG A 20 -6.84 -4.19 -25.16
N ARG A 21 -6.02 -3.27 -25.67
CA ARG A 21 -4.87 -2.79 -24.95
C ARG A 21 -5.30 -1.57 -24.14
N LEU A 22 -4.95 -1.54 -22.86
CA LEU A 22 -5.33 -0.42 -22.00
C LEU A 22 -4.09 0.46 -21.78
N TRP A 23 -4.22 1.73 -22.12
CA TRP A 23 -3.08 2.65 -22.04
C TRP A 23 -2.74 2.95 -20.58
N ASN A 24 -1.46 2.99 -20.27
CA ASN A 24 -0.99 3.38 -18.94
C ASN A 24 -0.48 4.83 -18.92
N SER A 25 -0.99 5.62 -17.99
CA SER A 25 -0.44 6.96 -17.76
C SER A 25 0.90 6.89 -17.05
N GLY A 26 1.59 8.03 -16.96
CA GLY A 26 2.86 8.10 -16.24
C GLY A 26 2.85 7.49 -14.84
N PRO A 27 1.89 7.88 -14.01
CA PRO A 27 1.78 7.30 -12.66
C PRO A 27 1.53 5.78 -12.68
N ASP A 28 0.91 5.26 -13.74
CA ASP A 28 0.73 3.82 -13.90
C ASP A 28 2.03 3.12 -14.23
N LEU A 29 3.06 3.89 -14.61
CA LEU A 29 4.31 3.31 -15.06
C LEU A 29 5.42 3.35 -14.02
N VAL A 30 5.41 4.35 -13.16
CA VAL A 30 6.46 4.48 -12.16
C VAL A 30 6.06 3.73 -10.90
N VAL A 31 5.90 2.41 -11.05
CA VAL A 31 5.50 1.54 -9.94
C VAL A 31 6.41 0.30 -9.94
N PRO A 32 6.49 -0.40 -8.80
CA PRO A 32 7.29 -1.63 -8.70
C PRO A 32 6.92 -2.65 -9.76
N ARG A 33 7.91 -3.42 -10.22
CA ARG A 33 7.71 -4.39 -11.28
C ARG A 33 7.02 -5.66 -10.82
N PHE A 34 7.17 -6.00 -9.54
CA PHE A 34 6.63 -7.26 -9.06
C PHE A 34 5.42 -7.03 -8.18
N HIS A 35 4.73 -8.11 -7.83
CA HIS A 35 3.48 -8.01 -7.10
C HIS A 35 3.62 -7.35 -5.72
N THR A 36 2.76 -6.39 -5.45
CA THR A 36 2.66 -5.78 -4.13
C THR A 36 1.79 -6.66 -3.24
N PRO A 37 2.31 -7.05 -2.07
CA PRO A 37 1.59 -8.00 -1.21
C PRO A 37 0.78 -7.31 -0.13
N SER A 38 -0.39 -7.87 0.18
CA SER A 38 -1.19 -7.49 1.33
C SER A 38 -1.87 -8.73 1.90
N VAL A 39 -2.17 -8.69 3.20
CA VAL A 39 -2.81 -9.83 3.86
C VAL A 39 -3.97 -9.42 4.75
N TYR A 40 -5.06 -10.16 4.67
CA TYR A 40 -6.19 -9.99 5.57
C TYR A 40 -6.23 -11.17 6.54
N PHE A 41 -6.57 -10.90 7.80
CA PHE A 41 -6.78 -11.96 8.78
C PHE A 41 -8.20 -11.93 9.31
N PHE A 42 -8.78 -13.13 9.43
CA PHE A 42 -10.15 -13.29 9.92
C PHE A 42 -10.18 -14.34 11.03
N ARG A 43 -10.96 -14.09 12.08
CA ARG A 43 -11.13 -15.06 13.15
C ARG A 43 -12.52 -15.67 13.07
N ARG A 44 -12.67 -16.86 13.61
CA ARG A 44 -13.93 -17.59 13.57
C ARG A 44 -14.97 -17.05 14.56
N ARG A 45 -14.53 -16.26 15.53
CA ARG A 45 -15.42 -15.59 16.48
C ARG A 45 -15.27 -14.07 16.41
N ASP A 46 -16.32 -13.34 16.81
CA ASP A 46 -16.33 -11.88 16.69
C ASP A 46 -15.91 -11.13 17.96
N ALA A 47 -15.18 -11.78 18.85
CA ALA A 47 -14.67 -11.09 20.05
C ALA A 47 -15.74 -10.90 21.13
N ASP A 48 -17.00 -10.77 20.71
CA ASP A 48 -18.10 -10.93 21.64
C ASP A 48 -18.30 -12.42 21.86
N GLY A 49 -17.49 -13.22 21.19
CA GLY A 49 -17.54 -14.67 21.29
C GLY A 49 -18.42 -15.33 20.25
N ASN A 50 -19.24 -14.52 19.57
CA ASN A 50 -20.16 -15.04 18.56
C ASN A 50 -19.47 -15.80 17.42
N ASP A 51 -19.99 -16.99 17.14
CA ASP A 51 -19.50 -17.81 16.04
C ASP A 51 -19.80 -17.12 14.70
N LEU A 52 -18.79 -17.01 13.85
CA LEU A 52 -18.96 -16.33 12.58
C LEU A 52 -19.21 -17.30 11.44
N THR A 53 -19.14 -18.59 11.72
CA THR A 53 -19.54 -19.61 10.76
C THR A 53 -20.94 -19.27 10.24
N ALA A 54 -21.16 -19.44 8.94
CA ALA A 54 -22.46 -19.11 8.37
C ALA A 54 -23.49 -20.17 8.75
N ALA A 55 -24.77 -19.87 8.52
CA ALA A 55 -25.83 -20.80 8.89
C ALA A 55 -25.71 -22.12 8.12
N ASP A 56 -25.17 -22.06 6.91
CA ASP A 56 -24.97 -23.26 6.11
C ASP A 56 -23.69 -24.01 6.51
N GLY A 57 -23.03 -23.54 7.58
CA GLY A 57 -21.81 -24.15 8.08
C GLY A 57 -20.55 -23.70 7.35
N SER A 58 -20.72 -22.77 6.43
CA SER A 58 -19.63 -22.25 5.62
C SER A 58 -18.71 -21.30 6.42
N PHE A 59 -17.43 -21.24 6.03
CA PHE A 59 -16.53 -20.19 6.52
C PHE A 59 -15.41 -20.00 5.50
N PHE A 60 -15.57 -18.99 4.63
CA PHE A 60 -14.65 -18.82 3.52
C PHE A 60 -14.61 -20.05 2.58
N ASP A 61 -15.76 -20.37 2.02
CA ASP A 61 -15.88 -21.44 1.04
C ASP A 61 -15.26 -21.02 -0.28
N GLY A 62 -14.21 -21.73 -0.68
CA GLY A 62 -13.48 -21.42 -1.89
C GLY A 62 -14.35 -21.34 -3.14
N ALA A 63 -15.38 -22.17 -3.19
CA ALA A 63 -16.23 -22.26 -4.38
C ALA A 63 -17.09 -21.01 -4.53
N ARG A 64 -17.73 -20.60 -3.45
CA ARG A 64 -18.52 -19.37 -3.42
C ARG A 64 -17.64 -18.14 -3.70
N MET A 65 -16.40 -18.18 -3.19
CA MET A 65 -15.45 -17.09 -3.42
C MET A 65 -14.97 -17.03 -4.87
N ARG A 66 -14.61 -18.18 -5.42
CA ARG A 66 -14.19 -18.26 -6.82
C ARG A 66 -15.32 -17.78 -7.74
N ARG A 67 -16.55 -18.15 -7.37
CA ARG A 67 -17.74 -17.72 -8.08
C ARG A 67 -17.82 -16.20 -8.11
N ALA A 68 -17.74 -15.58 -6.94
CA ALA A 68 -17.85 -14.12 -6.81
C ALA A 68 -16.66 -13.42 -7.47
N LEU A 69 -15.50 -14.06 -7.46
CA LEU A 69 -14.32 -13.52 -8.10
C LEU A 69 -14.56 -13.38 -9.61
N ALA A 70 -14.90 -14.49 -10.26
CA ALA A 70 -15.16 -14.51 -11.71
C ALA A 70 -16.15 -13.43 -12.11
N GLU A 71 -17.12 -13.19 -11.25
CA GLU A 71 -18.11 -12.16 -11.46
C GLU A 71 -17.55 -10.73 -11.35
N ALA A 72 -16.61 -10.53 -10.43
CA ALA A 72 -16.06 -9.20 -10.21
C ALA A 72 -15.12 -8.86 -11.36
N LEU A 73 -14.56 -9.90 -11.96
CA LEU A 73 -13.60 -9.72 -13.04
C LEU A 73 -14.29 -9.30 -14.34
N VAL A 74 -15.60 -9.14 -14.28
CA VAL A 74 -16.33 -8.66 -15.45
C VAL A 74 -16.18 -7.13 -15.57
N PRO A 75 -16.69 -6.38 -14.59
CA PRO A 75 -16.42 -4.94 -14.64
C PRO A 75 -14.93 -4.65 -14.45
N PHE A 76 -14.27 -5.38 -13.55
CA PHE A 76 -12.85 -5.14 -13.30
C PHE A 76 -11.96 -5.97 -14.22
N TYR A 77 -12.35 -6.10 -15.48
CA TYR A 77 -11.67 -7.02 -16.39
C TYR A 77 -10.18 -6.80 -16.61
N PRO A 78 -9.69 -5.55 -16.50
CA PRO A 78 -8.24 -5.41 -16.66
C PRO A 78 -7.47 -6.22 -15.60
N MET A 79 -8.09 -6.45 -14.45
CA MET A 79 -7.45 -7.23 -13.40
C MET A 79 -7.13 -8.65 -13.91
N ALA A 80 -7.86 -9.08 -14.94
CA ALA A 80 -7.67 -10.42 -15.49
C ALA A 80 -6.69 -10.47 -16.67
N GLY A 81 -6.08 -9.33 -16.96
CA GLY A 81 -5.21 -9.22 -18.12
C GLY A 81 -3.78 -9.59 -17.83
N ARG A 82 -2.90 -9.25 -18.77
CA ARG A 82 -1.46 -9.48 -18.62
C ARG A 82 -0.74 -8.19 -19.00
N LEU A 83 0.54 -8.09 -18.67
CA LEU A 83 1.34 -6.98 -19.15
C LEU A 83 1.66 -7.18 -20.64
N ALA A 84 2.07 -6.10 -21.29
CA ALA A 84 2.44 -6.10 -22.70
C ALA A 84 3.01 -4.74 -23.03
N ARG A 85 3.63 -4.61 -24.20
CA ARG A 85 4.19 -3.33 -24.61
C ARG A 85 3.68 -2.94 -25.98
N ASP A 86 3.53 -1.63 -26.23
CA ASP A 86 3.09 -1.17 -27.54
C ASP A 86 4.28 -1.05 -28.50
N GLU A 87 4.00 -0.60 -29.71
CA GLU A 87 5.01 -0.34 -30.72
C GLU A 87 6.23 0.38 -30.14
N ASP A 88 5.97 1.38 -29.32
CA ASP A 88 7.02 2.23 -28.77
C ASP A 88 7.72 1.62 -27.56
N GLY A 89 7.23 0.46 -27.12
CA GLY A 89 7.83 -0.22 -25.97
C GLY A 89 7.24 0.22 -24.65
N ARG A 90 6.19 1.02 -24.70
CA ARG A 90 5.53 1.49 -23.48
C ARG A 90 4.68 0.37 -22.89
N VAL A 91 4.90 0.04 -21.62
CA VAL A 91 4.09 -0.98 -20.98
C VAL A 91 2.61 -0.59 -20.97
N GLU A 92 1.74 -1.54 -21.28
CA GLU A 92 0.31 -1.33 -21.19
C GLU A 92 -0.36 -2.61 -20.71
N ILE A 93 -1.67 -2.55 -20.46
CA ILE A 93 -2.39 -3.73 -19.99
C ILE A 93 -3.10 -4.43 -21.13
N ASP A 94 -2.58 -5.59 -21.51
CA ASP A 94 -3.26 -6.45 -22.48
C ASP A 94 -4.47 -7.10 -21.80
N CYS A 95 -5.65 -6.55 -22.05
CA CYS A 95 -6.87 -7.10 -21.48
C CYS A 95 -7.33 -8.34 -22.28
N ASN A 96 -6.70 -9.47 -22.00
CA ASN A 96 -6.96 -10.72 -22.73
C ASN A 96 -7.73 -11.76 -21.90
N ALA A 97 -8.17 -11.36 -20.72
CA ALA A 97 -8.85 -12.26 -19.79
C ALA A 97 -8.10 -13.58 -19.55
N ALA A 98 -6.78 -13.51 -19.48
CA ALA A 98 -5.96 -14.67 -19.12
C ALA A 98 -6.09 -15.04 -17.63
N GLY A 99 -6.99 -14.36 -16.91
CA GLY A 99 -7.40 -14.77 -15.58
C GLY A 99 -6.52 -14.47 -14.39
N VAL A 100 -7.08 -14.63 -13.18
CA VAL A 100 -6.33 -14.44 -11.94
C VAL A 100 -6.19 -15.73 -11.14
N LEU A 101 -5.00 -15.95 -10.58
CA LEU A 101 -4.72 -17.14 -9.79
C LEU A 101 -5.40 -17.15 -8.40
N PHE A 102 -6.12 -18.23 -8.12
CA PHE A 102 -6.76 -18.44 -6.82
C PHE A 102 -6.26 -19.76 -6.22
N GLN A 103 -5.71 -19.71 -5.02
CA GLN A 103 -5.22 -20.89 -4.33
C GLN A 103 -5.90 -21.01 -2.98
N GLU A 104 -6.11 -22.24 -2.54
CA GLU A 104 -6.55 -22.50 -1.18
C GLU A 104 -5.43 -23.25 -0.48
N ALA A 105 -5.24 -23.01 0.81
CA ALA A 105 -4.16 -23.66 1.54
C ALA A 105 -4.56 -23.97 2.97
N ASP A 106 -3.77 -24.82 3.61
CA ASP A 106 -4.04 -25.25 4.97
C ASP A 106 -2.80 -25.13 5.83
N ALA A 107 -3.00 -24.65 7.06
CA ALA A 107 -1.97 -24.65 8.07
C ALA A 107 -2.50 -25.53 9.20
N PRO A 108 -2.25 -26.84 9.08
CA PRO A 108 -2.80 -27.90 9.93
C PRO A 108 -2.48 -27.72 11.41
N ASP A 109 -1.26 -27.29 11.71
CA ASP A 109 -0.76 -27.28 13.09
C ASP A 109 -0.77 -25.91 13.75
N ALA A 110 -0.95 -24.86 12.96
CA ALA A 110 -0.79 -23.50 13.48
C ALA A 110 -2.09 -22.69 13.44
N THR A 111 -2.30 -21.87 14.46
CA THR A 111 -3.41 -20.93 14.45
C THR A 111 -2.93 -19.61 13.87
N ILE A 112 -3.85 -18.71 13.54
CA ILE A 112 -3.39 -17.44 12.98
C ILE A 112 -2.56 -16.65 13.99
N ASP A 113 -2.71 -16.99 15.27
CA ASP A 113 -1.94 -16.38 16.35
C ASP A 113 -0.44 -16.61 16.21
N TYR A 114 -0.07 -17.57 15.39
CA TYR A 114 1.33 -17.76 15.03
C TYR A 114 1.93 -16.43 14.56
N PHE A 115 1.11 -15.61 13.93
CA PHE A 115 1.60 -14.36 13.34
C PHE A 115 1.58 -13.19 14.32
N GLY A 116 1.10 -13.44 15.53
CA GLY A 116 1.21 -12.49 16.62
C GLY A 116 0.53 -11.15 16.42
N ASP A 117 1.33 -10.09 16.35
CA ASP A 117 0.80 -8.74 16.15
C ASP A 117 0.58 -8.45 14.67
N PHE A 118 0.90 -9.44 13.85
CA PHE A 118 0.74 -9.34 12.41
C PHE A 118 1.74 -8.39 11.75
N ALA A 119 2.90 -8.19 12.38
CA ALA A 119 3.97 -7.42 11.75
C ALA A 119 4.32 -8.03 10.39
N PRO A 120 4.54 -7.17 9.37
CA PRO A 120 4.83 -7.67 8.01
C PRO A 120 6.23 -8.26 7.84
N THR A 121 6.56 -9.27 8.65
CA THR A 121 7.81 -10.00 8.46
C THR A 121 7.71 -10.83 7.17
N MET A 122 8.85 -11.34 6.71
CA MET A 122 8.87 -12.15 5.49
C MET A 122 8.14 -13.49 5.68
N GLU A 123 7.82 -13.81 6.93
CA GLU A 123 6.97 -14.97 7.23
C GLU A 123 5.59 -14.87 6.54
N LEU A 124 5.14 -13.65 6.25
CA LEU A 124 3.85 -13.45 5.61
C LEU A 124 3.86 -13.81 4.13
N LYS A 125 5.05 -13.88 3.56
CA LYS A 125 5.18 -14.21 2.14
C LYS A 125 4.58 -15.58 1.83
N ARG A 126 4.55 -16.44 2.84
CA ARG A 126 3.98 -17.79 2.69
C ARG A 126 2.48 -17.76 2.46
N LEU A 127 1.86 -16.61 2.72
CA LEU A 127 0.41 -16.51 2.64
C LEU A 127 -0.05 -16.01 1.28
N ILE A 128 0.90 -15.76 0.40
CA ILE A 128 0.62 -15.25 -0.92
C ILE A 128 1.25 -16.18 -1.94
N PRO A 129 0.51 -16.49 -3.01
CA PRO A 129 1.06 -17.41 -4.02
C PRO A 129 2.38 -16.92 -4.60
N THR A 130 3.32 -17.84 -4.76
CA THR A 130 4.60 -17.52 -5.37
C THR A 130 4.44 -17.27 -6.87
N VAL A 131 5.09 -16.23 -7.37
CA VAL A 131 4.95 -15.85 -8.78
C VAL A 131 6.23 -16.10 -9.57
N ASP A 132 6.09 -16.67 -10.76
CA ASP A 132 7.20 -16.84 -11.67
C ASP A 132 7.34 -15.59 -12.55
N PHE A 133 8.32 -14.76 -12.23
CA PHE A 133 8.46 -13.46 -12.89
C PHE A 133 9.39 -13.50 -14.09
N SER A 134 9.78 -14.71 -14.51
CA SER A 134 10.73 -14.87 -15.61
C SER A 134 10.28 -14.15 -16.87
N ASP A 135 8.97 -14.00 -17.05
CA ASP A 135 8.44 -13.31 -18.22
C ASP A 135 7.40 -12.26 -17.83
N ASP A 136 7.72 -10.99 -18.09
CA ASP A 136 6.83 -9.87 -17.78
C ASP A 136 5.39 -10.15 -18.21
N THR A 137 5.24 -10.80 -19.35
CA THR A 137 3.93 -10.96 -19.97
C THR A 137 3.27 -12.29 -19.61
N ALA A 138 3.98 -13.13 -18.85
CA ALA A 138 3.48 -14.45 -18.49
C ALA A 138 2.60 -14.45 -17.23
N PHE A 139 3.07 -13.80 -16.18
CA PHE A 139 2.42 -13.89 -14.88
C PHE A 139 1.08 -13.14 -14.80
N PRO A 140 0.13 -13.71 -14.04
CA PRO A 140 -1.14 -13.03 -13.82
C PRO A 140 -0.91 -11.76 -13.02
N LEU A 141 -1.82 -10.80 -13.14
CA LEU A 141 -1.66 -9.50 -12.51
C LEU A 141 -2.11 -9.52 -11.07
N LEU A 142 -2.92 -10.52 -10.74
CA LEU A 142 -3.45 -10.69 -9.39
C LEU A 142 -3.37 -12.16 -9.00
N VAL A 143 -2.69 -12.44 -7.89
CA VAL A 143 -2.73 -13.77 -7.29
C VAL A 143 -3.35 -13.70 -5.90
N LEU A 144 -4.07 -14.76 -5.53
CA LEU A 144 -4.83 -14.80 -4.29
C LEU A 144 -4.69 -16.16 -3.64
N GLN A 145 -4.53 -16.15 -2.32
CA GLN A 145 -4.49 -17.39 -1.57
C GLN A 145 -5.31 -17.29 -0.30
N VAL A 146 -6.24 -18.23 -0.13
CA VAL A 146 -7.00 -18.34 1.10
C VAL A 146 -6.43 -19.49 1.91
N THR A 147 -5.91 -19.15 3.09
CA THR A 147 -5.27 -20.13 3.96
C THR A 147 -6.13 -20.40 5.18
N HIS A 148 -6.43 -21.68 5.43
CA HIS A 148 -7.24 -22.05 6.59
C HIS A 148 -6.33 -22.62 7.67
N PHE A 149 -6.50 -22.11 8.88
CA PHE A 149 -5.62 -22.44 10.00
C PHE A 149 -6.31 -23.35 11.02
N LYS A 150 -5.49 -24.06 11.78
CA LYS A 150 -5.95 -24.75 12.97
C LYS A 150 -6.73 -23.77 13.83
N CYS A 151 -7.84 -24.23 14.39
CA CYS A 151 -8.72 -23.41 15.23
C CYS A 151 -9.63 -22.45 14.45
N GLY A 152 -9.63 -22.55 13.13
CA GLY A 152 -10.70 -21.95 12.34
C GLY A 152 -10.42 -20.59 11.75
N GLY A 153 -9.23 -20.04 12.00
CA GLY A 153 -8.86 -18.77 11.41
C GLY A 153 -8.56 -18.84 9.92
N VAL A 154 -8.65 -17.68 9.26
CA VAL A 154 -8.41 -17.58 7.83
C VAL A 154 -7.57 -16.35 7.48
N ALA A 155 -6.61 -16.54 6.58
CA ALA A 155 -5.89 -15.42 5.97
C ALA A 155 -6.20 -15.38 4.49
N ILE A 156 -6.35 -14.17 3.96
CA ILE A 156 -6.38 -13.97 2.52
C ILE A 156 -5.14 -13.20 2.12
N GLY A 157 -4.32 -13.82 1.29
CA GLY A 157 -3.10 -13.21 0.80
C GLY A 157 -3.30 -12.69 -0.61
N VAL A 158 -2.91 -11.43 -0.83
CA VAL A 158 -3.16 -10.77 -2.11
C VAL A 158 -1.84 -10.28 -2.70
N GLY A 159 -1.56 -10.66 -3.94
CA GLY A 159 -0.42 -10.13 -4.65
C GLY A 159 -0.94 -9.45 -5.90
N MET A 160 -0.72 -8.13 -6.00
CA MET A 160 -1.25 -7.36 -7.12
C MET A 160 -0.17 -6.56 -7.85
N GLN A 161 -0.09 -6.74 -9.17
CA GLN A 161 0.89 -6.03 -9.97
C GLN A 161 0.40 -4.60 -10.17
N HIS A 162 1.18 -3.62 -9.73
CA HIS A 162 0.67 -2.26 -9.61
C HIS A 162 0.50 -1.46 -10.90
N HIS A 163 0.97 -1.98 -12.04
CA HIS A 163 0.69 -1.32 -13.30
C HIS A 163 -0.81 -1.27 -13.54
N VAL A 164 -1.57 -2.22 -12.98
CA VAL A 164 -3.00 -2.23 -13.25
C VAL A 164 -3.75 -1.20 -12.42
N ALA A 165 -3.28 -0.93 -11.21
CA ALA A 165 -4.01 0.00 -10.33
C ALA A 165 -3.24 0.26 -9.04
N ASP A 166 -3.51 1.41 -8.41
CA ASP A 166 -2.91 1.70 -7.10
C ASP A 166 -3.71 1.04 -5.99
N GLY A 167 -3.31 1.31 -4.74
CA GLY A 167 -3.92 0.67 -3.60
C GLY A 167 -5.39 1.02 -3.42
N PHE A 168 -5.72 2.25 -3.76
CA PHE A 168 -7.09 2.71 -3.67
C PHE A 168 -7.99 1.89 -4.61
N SER A 169 -7.55 1.72 -5.86
CA SER A 169 -8.34 0.96 -6.83
C SER A 169 -8.28 -0.53 -6.53
N GLY A 170 -7.15 -1.01 -6.02
CA GLY A 170 -7.02 -2.40 -5.63
C GLY A 170 -8.02 -2.77 -4.56
N LEU A 171 -8.19 -1.89 -3.57
CA LEU A 171 -9.16 -2.11 -2.51
C LEU A 171 -10.58 -2.02 -3.02
N HIS A 172 -10.81 -1.10 -3.96
CA HIS A 172 -12.12 -1.00 -4.61
C HIS A 172 -12.47 -2.37 -5.19
N PHE A 173 -11.50 -3.00 -5.85
CA PHE A 173 -11.70 -4.33 -6.40
C PHE A 173 -11.94 -5.39 -5.31
N ILE A 174 -11.03 -5.48 -4.36
CA ILE A 174 -11.17 -6.46 -3.29
C ILE A 174 -12.50 -6.31 -2.58
N ASN A 175 -12.90 -5.07 -2.29
CA ASN A 175 -14.14 -4.81 -1.58
C ASN A 175 -15.37 -5.13 -2.42
N SER A 176 -15.23 -5.00 -3.73
CA SER A 176 -16.31 -5.32 -4.65
C SER A 176 -16.44 -6.85 -4.77
N TRP A 177 -15.30 -7.53 -4.80
CA TRP A 177 -15.26 -8.97 -4.80
C TRP A 177 -15.96 -9.52 -3.57
N ALA A 178 -15.77 -8.84 -2.43
CA ALA A 178 -16.35 -9.26 -1.16
C ALA A 178 -17.83 -8.93 -1.11
N ASP A 179 -18.19 -7.78 -1.67
CA ASP A 179 -19.58 -7.38 -1.80
C ASP A 179 -20.39 -8.47 -2.49
N LEU A 180 -19.90 -8.91 -3.65
CA LEU A 180 -20.56 -9.94 -4.44
C LEU A 180 -20.60 -11.29 -3.70
N CYS A 181 -19.57 -11.60 -2.94
CA CYS A 181 -19.54 -12.85 -2.19
C CYS A 181 -20.60 -12.81 -1.12
N ARG A 182 -20.72 -11.68 -0.45
CA ARG A 182 -21.71 -11.51 0.61
C ARG A 182 -23.12 -11.33 0.04
N GLY A 183 -23.20 -11.29 -1.29
CA GLY A 183 -24.49 -11.20 -1.98
C GLY A 183 -25.04 -9.79 -2.15
N VAL A 184 -24.19 -8.79 -2.01
CA VAL A 184 -24.58 -7.41 -2.22
C VAL A 184 -23.99 -6.93 -3.54
N PRO A 185 -24.75 -6.12 -4.31
CA PRO A 185 -24.23 -5.68 -5.61
C PRO A 185 -23.15 -4.60 -5.46
N ILE A 186 -22.31 -4.47 -6.49
CA ILE A 186 -21.25 -3.47 -6.48
C ILE A 186 -21.81 -2.05 -6.45
N ALA A 187 -21.50 -1.30 -5.39
CA ALA A 187 -22.02 0.06 -5.22
C ALA A 187 -21.52 1.04 -6.28
N VAL A 188 -20.23 1.06 -6.53
CA VAL A 188 -19.64 1.98 -7.50
C VAL A 188 -18.89 1.21 -8.58
N MET A 189 -19.38 1.28 -9.81
CA MET A 189 -18.70 0.60 -10.92
C MET A 189 -17.38 1.28 -11.26
N PRO A 190 -16.37 0.50 -11.64
CA PRO A 190 -15.11 1.13 -12.03
C PRO A 190 -15.23 1.93 -13.33
N PHE A 191 -14.53 3.06 -13.35
CA PHE A 191 -14.40 3.88 -14.55
C PHE A 191 -13.02 3.59 -15.11
N ILE A 192 -12.98 3.08 -16.34
CA ILE A 192 -11.73 2.57 -16.89
C ILE A 192 -11.27 3.36 -18.11
N ASP A 193 -10.49 4.41 -17.86
CA ASP A 193 -9.92 5.24 -18.92
C ASP A 193 -8.84 6.12 -18.31
N ARG A 194 -7.59 5.76 -18.56
CA ARG A 194 -6.47 6.46 -17.95
C ARG A 194 -6.02 7.69 -18.75
N SER A 195 -6.66 7.93 -19.88
CA SER A 195 -6.28 9.06 -20.73
C SER A 195 -6.57 10.37 -20.01
N LEU A 196 -7.38 10.33 -18.95
CA LEU A 196 -7.59 11.51 -18.12
C LEU A 196 -6.32 12.00 -17.44
N LEU A 197 -5.30 11.14 -17.35
CA LEU A 197 -4.00 11.55 -16.81
C LEU A 197 -2.92 11.67 -17.90
N ARG A 198 -3.32 11.90 -19.14
CA ARG A 198 -2.30 12.14 -20.15
C ARG A 198 -1.64 13.51 -19.91
N ALA A 199 -0.37 13.63 -20.29
CA ALA A 199 0.35 14.89 -20.14
C ALA A 199 -0.22 15.93 -21.11
N ARG A 200 -0.02 17.20 -20.81
CA ARG A 200 -0.36 18.26 -21.75
C ARG A 200 0.51 18.15 -23.01
N ASP A 201 0.03 18.72 -24.10
CA ASP A 201 0.76 18.66 -25.35
C ASP A 201 0.88 20.08 -25.86
N PRO A 202 2.08 20.65 -25.82
CA PRO A 202 3.35 20.02 -25.40
C PRO A 202 3.45 19.95 -23.87
N PRO A 203 4.29 19.05 -23.34
CA PRO A 203 4.42 19.03 -21.87
C PRO A 203 4.96 20.35 -21.39
N ALA A 204 4.58 20.76 -20.19
CA ALA A 204 5.04 22.02 -19.63
C ALA A 204 5.15 21.93 -18.12
N PRO A 205 6.17 21.21 -17.64
CA PRO A 205 6.36 21.15 -16.18
C PRO A 205 6.76 22.51 -15.61
N VAL A 206 6.41 22.75 -14.36
CA VAL A 206 6.79 24.01 -13.73
C VAL A 206 7.49 23.79 -12.39
N TYR A 207 7.71 22.53 -12.02
CA TYR A 207 8.53 22.17 -10.86
C TYR A 207 9.59 21.19 -11.29
N PRO A 208 10.66 21.06 -10.50
CA PRO A 208 11.69 20.07 -10.86
C PRO A 208 11.32 18.65 -10.43
N HIS A 209 10.25 18.53 -9.64
CA HIS A 209 9.82 17.24 -9.08
C HIS A 209 10.87 16.47 -8.30
N VAL A 210 11.24 17.09 -7.18
CA VAL A 210 12.21 16.50 -6.25
C VAL A 210 11.84 15.05 -5.92
N GLU A 211 10.55 14.72 -5.95
CA GLU A 211 10.11 13.37 -5.57
C GLU A 211 10.65 12.27 -6.50
N TYR A 212 11.01 12.62 -7.73
CA TYR A 212 11.59 11.63 -8.65
C TYR A 212 13.11 11.74 -8.77
N GLN A 213 13.74 12.62 -8.00
CA GLN A 213 15.20 12.76 -8.05
C GLN A 213 15.88 11.75 -7.12
N PRO A 214 17.17 11.45 -7.36
CA PRO A 214 17.88 10.48 -6.50
C PRO A 214 17.87 10.88 -5.01
N ALA A 215 17.67 9.90 -4.13
CA ALA A 215 17.65 10.13 -2.68
C ALA A 215 19.06 10.41 -2.18
N PRO A 216 19.17 11.18 -1.09
CA PRO A 216 20.49 11.53 -0.54
C PRO A 216 21.28 10.29 -0.09
N ALA A 217 22.60 10.32 -0.27
CA ALA A 217 23.44 9.24 0.22
C ALA A 217 23.95 9.59 1.63
N MET A 218 24.41 8.58 2.37
CA MET A 218 25.12 8.84 3.61
C MET A 218 26.31 9.73 3.28
N LEU A 219 26.60 10.71 4.11
CA LEU A 219 27.78 11.53 3.89
C LEU A 219 29.05 10.67 3.99
N SER A 220 30.00 10.91 3.10
CA SER A 220 31.27 10.19 3.13
C SER A 220 32.38 11.11 3.65
N SER A 221 33.43 10.51 4.20
CA SER A 221 34.56 11.26 4.77
C SER A 221 34.84 12.57 4.03
N ALA A 233 28.23 -5.80 1.83
CA ALA A 233 27.29 -6.66 2.56
C ALA A 233 26.10 -5.87 3.11
N THR A 234 24.89 -6.37 2.87
CA THR A 234 23.68 -5.68 3.30
C THR A 234 23.20 -6.14 4.69
N PRO A 235 23.11 -5.18 5.63
CA PRO A 235 22.72 -5.48 7.02
C PRO A 235 21.33 -6.12 7.07
N PRO A 236 21.09 -7.04 8.02
CA PRO A 236 19.78 -7.70 8.13
C PRO A 236 18.66 -6.69 8.39
N ALA A 237 17.47 -6.90 7.82
CA ALA A 237 16.33 -5.98 7.97
C ALA A 237 15.23 -6.50 8.90
N ALA A 238 15.07 -5.85 10.04
CA ALA A 238 14.05 -6.24 11.01
C ALA A 238 12.72 -5.54 10.70
N VAL A 239 11.62 -6.20 10.99
CA VAL A 239 10.31 -5.61 10.79
C VAL A 239 9.52 -5.73 12.08
N ALA A 240 8.76 -4.70 12.42
CA ALA A 240 7.98 -4.70 13.64
C ALA A 240 6.76 -3.83 13.49
N ILE A 241 5.83 -3.93 14.42
CA ILE A 241 4.63 -3.10 14.40
C ILE A 241 4.38 -2.54 15.80
N PHE A 242 4.00 -1.26 15.87
CA PHE A 242 3.83 -0.56 17.12
C PHE A 242 2.47 0.11 17.16
N LYS A 243 1.71 -0.16 18.21
CA LYS A 243 0.41 0.46 18.37
C LYS A 243 0.46 1.72 19.22
N LEU A 244 -0.27 2.74 18.80
CA LEU A 244 -0.47 3.94 19.59
C LEU A 244 -1.96 4.11 19.85
N SER A 245 -2.34 4.20 21.12
CA SER A 245 -3.73 4.42 21.50
C SER A 245 -4.22 5.79 21.07
N ARG A 246 -5.52 5.95 20.95
CA ARG A 246 -6.11 7.25 20.64
C ARG A 246 -5.57 8.27 21.62
N ALA A 247 -5.50 7.88 22.90
CA ALA A 247 -5.00 8.76 23.96
C ALA A 247 -3.53 9.13 23.77
N GLU A 248 -2.69 8.16 23.46
CA GLU A 248 -1.27 8.44 23.19
C GLU A 248 -1.06 9.38 21.99
N LEU A 249 -1.83 9.17 20.92
CA LEU A 249 -1.73 10.04 19.73
C LEU A 249 -2.12 11.45 20.09
N GLY A 250 -3.18 11.56 20.90
CA GLY A 250 -3.64 12.85 21.37
C GLY A 250 -2.53 13.55 22.11
N ARG A 251 -1.84 12.81 22.96
CA ARG A 251 -0.75 13.38 23.75
C ARG A 251 0.43 13.82 22.88
N LEU A 252 0.76 13.00 21.87
CA LEU A 252 1.78 13.37 20.90
C LEU A 252 1.39 14.67 20.17
N ARG A 253 0.13 14.77 19.75
CA ARG A 253 -0.34 15.97 19.06
C ARG A 253 -0.20 17.20 19.93
N SER A 254 -0.56 17.06 21.21
CA SER A 254 -0.59 18.20 22.11
C SER A 254 0.81 18.72 22.38
N GLN A 255 1.81 17.93 21.99
CA GLN A 255 3.19 18.37 22.09
C GLN A 255 3.60 19.29 20.95
N VAL A 256 2.74 19.41 19.95
CA VAL A 256 3.05 20.28 18.83
C VAL A 256 2.12 21.50 18.87
N PRO A 257 2.67 22.67 19.22
CA PRO A 257 1.87 23.89 19.41
C PRO A 257 1.04 24.22 18.17
N ALA A 258 -0.24 24.48 18.36
CA ALA A 258 -1.08 24.95 17.26
C ALA A 258 -0.47 26.20 16.62
N ARG A 259 -0.67 26.35 15.31
CA ARG A 259 -0.11 27.48 14.57
C ARG A 259 -0.98 28.75 14.71
N GLU A 260 -0.93 29.36 15.90
CA GLU A 260 -1.84 30.46 16.27
C GLU A 260 -1.46 31.83 15.69
N ARG A 261 -0.34 32.39 16.15
CA ARG A 261 0.19 33.64 15.60
C ARG A 261 0.35 33.53 14.08
N GLU A 262 0.61 32.31 13.63
CA GLU A 262 0.74 32.01 12.22
C GLU A 262 -0.58 32.28 11.51
N GLY A 263 -1.66 31.76 12.08
CA GLY A 263 -2.96 31.82 11.44
C GLY A 263 -3.23 30.61 10.56
N ALA A 264 -2.22 29.77 10.38
CA ALA A 264 -2.33 28.55 9.58
C ALA A 264 -3.16 27.49 10.31
N PRO A 265 -3.76 26.56 9.55
CA PRO A 265 -4.49 25.46 10.18
C PRO A 265 -3.53 24.61 11.03
N ARG A 266 -4.03 23.86 12.00
CA ARG A 266 -3.14 23.01 12.79
C ARG A 266 -2.51 21.96 11.87
N PHE A 267 -1.35 21.44 12.24
CA PHE A 267 -0.73 20.35 11.46
C PHE A 267 -1.68 19.15 11.40
N SER A 268 -1.73 18.47 10.25
CA SER A 268 -2.51 17.22 10.18
C SER A 268 -1.94 16.20 11.17
N THR A 269 -2.77 15.27 11.61
CA THR A 269 -2.28 14.21 12.49
C THR A 269 -1.23 13.38 11.74
N TYR A 270 -1.45 13.22 10.44
CA TYR A 270 -0.48 12.55 9.59
C TYR A 270 0.90 13.20 9.68
N ALA A 271 0.97 14.52 9.52
CA ALA A 271 2.25 15.22 9.58
C ALA A 271 2.93 15.04 10.95
N VAL A 272 2.13 15.14 12.01
CA VAL A 272 2.67 14.97 13.36
C VAL A 272 3.20 13.54 13.60
N LEU A 273 2.38 12.54 13.29
CA LEU A 273 2.83 11.15 13.49
C LEU A 273 4.01 10.82 12.57
N ALA A 274 3.93 11.26 11.32
CA ALA A 274 5.03 11.02 10.38
C ALA A 274 6.32 11.67 10.89
N ALA A 275 6.24 12.90 11.38
CA ALA A 275 7.43 13.57 11.92
C ALA A 275 8.01 12.78 13.11
N HIS A 276 7.14 12.20 13.92
CA HIS A 276 7.57 11.42 15.08
C HIS A 276 8.30 10.16 14.61
N VAL A 277 7.72 9.48 13.63
CA VAL A 277 8.37 8.30 13.09
C VAL A 277 9.68 8.64 12.42
N TRP A 278 9.69 9.72 11.64
CA TRP A 278 10.91 10.12 10.94
C TRP A 278 12.01 10.44 11.97
N ARG A 279 11.62 11.15 13.02
CA ARG A 279 12.53 11.49 14.11
C ARG A 279 13.10 10.24 14.80
N CYS A 280 12.21 9.35 15.23
CA CYS A 280 12.66 8.11 15.88
C CYS A 280 13.56 7.26 14.98
N ALA A 281 13.20 7.15 13.71
CA ALA A 281 14.05 6.40 12.76
C ALA A 281 15.42 7.06 12.63
N SER A 282 15.47 8.39 12.50
CA SER A 282 16.74 9.12 12.35
C SER A 282 17.61 9.04 13.60
N LEU A 283 17.00 9.14 14.78
CA LEU A 283 17.71 8.93 16.04
C LEU A 283 18.22 7.49 16.13
N ALA A 284 17.35 6.52 15.84
CA ALA A 284 17.71 5.11 15.90
C ALA A 284 18.87 4.78 14.94
N ARG A 285 18.93 5.49 13.83
CA ARG A 285 19.96 5.27 12.82
C ARG A 285 21.24 6.02 13.15
N GLY A 286 21.18 6.87 14.16
CA GLY A 286 22.32 7.65 14.58
C GLY A 286 22.79 8.64 13.53
N LEU A 287 21.85 9.33 12.86
CA LEU A 287 22.23 10.31 11.85
C LEU A 287 22.75 11.58 12.50
N PRO A 288 23.91 12.07 12.03
CA PRO A 288 24.38 13.35 12.58
C PRO A 288 23.58 14.50 11.99
N ALA A 289 23.66 15.66 12.64
CA ALA A 289 22.77 16.77 12.30
C ALA A 289 22.88 17.30 10.87
N ASP A 290 24.04 17.13 10.24
CA ASP A 290 24.28 17.65 8.90
C ASP A 290 23.97 16.64 7.77
N GLN A 291 23.47 15.47 8.15
CA GLN A 291 23.08 14.44 7.19
C GLN A 291 21.69 14.68 6.59
N PRO A 292 21.63 14.86 5.25
CA PRO A 292 20.32 14.99 4.61
C PRO A 292 19.53 13.70 4.67
N THR A 293 18.23 13.85 4.84
CA THR A 293 17.34 12.71 4.87
C THR A 293 16.04 13.09 4.18
N LYS A 294 15.49 12.15 3.43
CA LYS A 294 14.35 12.38 2.57
C LYS A 294 13.26 11.38 2.95
N LEU A 295 12.06 11.91 3.17
CA LEU A 295 10.90 11.08 3.52
C LEU A 295 9.95 11.03 2.33
N TYR A 296 9.51 9.83 1.95
CA TYR A 296 8.60 9.68 0.81
C TYR A 296 7.17 9.46 1.29
N CYS A 297 6.31 10.45 1.03
CA CYS A 297 4.90 10.38 1.44
C CYS A 297 3.98 10.25 0.23
N ALA A 298 3.48 9.05 -0.02
CA ALA A 298 2.54 8.81 -1.11
C ALA A 298 1.23 9.55 -0.86
N THR A 299 0.72 10.18 -1.91
CA THR A 299 -0.43 11.07 -1.82
C THR A 299 -1.43 10.69 -2.92
N ASP A 300 -2.71 10.62 -2.59
CA ASP A 300 -3.75 10.28 -3.57
C ASP A 300 -4.17 11.52 -4.34
N GLY A 301 -3.98 11.50 -5.66
CA GLY A 301 -4.31 12.67 -6.46
C GLY A 301 -5.77 12.80 -6.87
N ARG A 302 -6.57 11.79 -6.55
CA ARG A 302 -7.94 11.72 -7.05
C ARG A 302 -8.75 13.00 -6.83
N GLN A 303 -8.64 13.56 -5.63
CA GLN A 303 -9.31 14.79 -5.28
C GLN A 303 -8.39 16.02 -5.33
N ARG A 304 -7.08 15.81 -5.51
CA ARG A 304 -6.18 16.96 -5.68
C ARG A 304 -6.30 17.55 -7.09
N LEU A 305 -6.45 16.68 -8.08
CA LEU A 305 -6.69 17.11 -9.45
C LEU A 305 -8.03 17.85 -9.54
N GLN A 306 -8.09 18.84 -10.41
CA GLN A 306 -9.30 19.63 -10.60
C GLN A 306 -9.58 19.79 -12.10
N PRO A 307 -10.79 19.40 -12.53
CA PRO A 307 -11.80 18.78 -11.68
C PRO A 307 -11.38 17.37 -11.23
N PRO A 308 -11.95 16.88 -10.13
CA PRO A 308 -11.64 15.53 -9.64
C PRO A 308 -11.93 14.44 -10.66
N LEU A 309 -11.21 13.34 -10.57
CA LEU A 309 -11.44 12.21 -11.46
C LEU A 309 -12.82 11.61 -11.15
N PRO A 310 -13.40 10.89 -12.10
CA PRO A 310 -14.71 10.27 -11.86
C PRO A 310 -14.66 9.32 -10.68
N GLU A 311 -15.76 9.25 -9.93
CA GLU A 311 -15.88 8.27 -8.88
C GLU A 311 -15.68 6.90 -9.52
N GLY A 312 -14.83 6.08 -8.92
CA GLY A 312 -14.59 4.75 -9.47
C GLY A 312 -13.41 4.68 -10.42
N TYR A 313 -12.77 5.82 -10.69
CA TYR A 313 -11.60 5.85 -11.57
C TYR A 313 -10.68 4.69 -11.23
N PHE A 314 -10.32 3.92 -12.24
CA PHE A 314 -9.56 2.69 -12.03
C PHE A 314 -8.14 2.80 -12.58
N GLY A 315 -7.16 2.89 -11.68
CA GLY A 315 -5.77 3.01 -12.10
C GLY A 315 -4.90 3.56 -10.99
N ASN A 316 -3.71 4.05 -11.36
CA ASN A 316 -2.82 4.73 -10.39
C ASN A 316 -2.98 6.24 -10.42
N VAL A 317 -3.19 6.83 -9.24
CA VAL A 317 -3.27 8.29 -9.15
C VAL A 317 -2.37 8.79 -8.00
N ILE A 318 -1.19 8.20 -7.89
CA ILE A 318 -0.31 8.50 -6.78
C ILE A 318 0.70 9.60 -7.12
N PHE A 319 0.71 10.64 -6.31
CA PHE A 319 1.72 11.69 -6.42
C PHE A 319 2.42 11.77 -5.07
N THR A 320 3.74 11.94 -5.09
CA THR A 320 4.53 11.80 -3.88
C THR A 320 5.08 13.12 -3.36
N ALA A 321 4.76 13.43 -2.11
CA ALA A 321 5.38 14.55 -1.41
C ALA A 321 6.67 14.03 -0.78
N THR A 322 7.79 14.70 -1.00
CA THR A 322 9.03 14.24 -0.40
C THR A 322 9.69 15.34 0.42
N PRO A 323 9.26 15.51 1.69
CA PRO A 323 9.99 16.40 2.59
C PRO A 323 11.44 15.96 2.68
N LEU A 324 12.35 16.92 2.70
CA LEU A 324 13.77 16.62 2.73
C LEU A 324 14.42 17.67 3.62
N ALA A 325 15.15 17.21 4.64
CA ALA A 325 15.82 18.14 5.53
C ALA A 325 17.10 17.54 6.07
N ASN A 326 17.91 18.35 6.74
CA ASN A 326 19.02 17.78 7.48
C ASN A 326 18.46 17.08 8.72
N ALA A 327 19.11 16.00 9.13
CA ALA A 327 18.69 15.22 10.28
C ALA A 327 18.62 16.07 11.56
N GLY A 328 19.48 17.09 11.65
CA GLY A 328 19.43 18.01 12.78
C GLY A 328 18.07 18.66 12.96
N THR A 329 17.40 18.95 11.85
CA THR A 329 16.06 19.54 11.89
C THR A 329 15.03 18.51 12.34
N VAL A 330 15.08 17.33 11.71
CA VAL A 330 14.14 16.26 12.01
C VAL A 330 14.27 15.78 13.47
N THR A 331 15.49 15.67 13.96
CA THR A 331 15.70 15.14 15.31
C THR A 331 15.56 16.20 16.39
N ALA A 332 15.61 17.47 16.02
CA ALA A 332 15.45 18.54 17.00
C ALA A 332 14.13 18.44 17.73
N GLY A 333 13.08 17.97 17.04
CA GLY A 333 11.77 17.88 17.65
C GLY A 333 10.69 17.55 16.66
N VAL A 334 9.57 17.03 17.15
CA VAL A 334 8.44 16.65 16.31
C VAL A 334 7.85 17.86 15.58
N ALA A 335 7.74 18.99 16.28
CA ALA A 335 7.21 20.21 15.66
C ALA A 335 8.05 20.62 14.45
N GLU A 336 9.36 20.51 14.58
CA GLU A 336 10.25 20.93 13.53
C GLU A 336 10.10 20.03 12.29
N GLY A 337 9.99 18.72 12.52
CA GLY A 337 9.76 17.81 11.42
C GLY A 337 8.37 17.97 10.81
N ALA A 338 7.38 18.18 11.67
CA ALA A 338 5.99 18.30 11.19
C ALA A 338 5.79 19.48 10.24
N ALA A 339 6.47 20.58 10.51
CA ALA A 339 6.41 21.76 9.63
C ALA A 339 6.98 21.45 8.25
N VAL A 340 8.12 20.76 8.21
CA VAL A 340 8.70 20.38 6.92
C VAL A 340 7.76 19.45 6.15
N ILE A 341 7.20 18.46 6.86
CA ILE A 341 6.30 17.53 6.21
C ILE A 341 5.02 18.21 5.71
N GLN A 342 4.42 19.05 6.53
CA GLN A 342 3.15 19.67 6.16
C GLN A 342 3.35 20.64 4.97
N ALA A 343 4.49 21.33 4.94
CA ALA A 343 4.82 22.18 3.81
C ALA A 343 4.89 21.36 2.50
N ALA A 344 5.49 20.18 2.58
CA ALA A 344 5.61 19.32 1.40
C ALA A 344 4.23 18.82 0.97
N LEU A 345 3.37 18.46 1.93
CA LEU A 345 2.02 18.01 1.60
C LEU A 345 1.20 19.11 0.96
N ASP A 346 1.33 20.32 1.53
CA ASP A 346 0.56 21.46 1.08
C ASP A 346 0.85 21.86 -0.37
N ARG A 347 2.05 21.58 -0.86
CA ARG A 347 2.34 21.93 -2.25
C ARG A 347 1.73 20.96 -3.28
N MET A 348 1.17 19.85 -2.81
CA MET A 348 0.60 18.86 -3.73
C MET A 348 -0.79 19.26 -4.21
N ASP A 349 -0.89 20.34 -4.97
CA ASP A 349 -2.18 20.79 -5.48
C ASP A 349 -2.37 20.37 -6.95
N ASP A 350 -3.46 20.83 -7.57
CA ASP A 350 -3.72 20.48 -8.97
C ASP A 350 -2.53 20.83 -9.87
N GLY A 351 -1.97 22.03 -9.70
CA GLY A 351 -0.88 22.46 -10.55
C GLY A 351 0.34 21.55 -10.43
N TYR A 352 0.66 21.16 -9.20
CA TYR A 352 1.83 20.32 -8.95
C TYR A 352 1.60 18.94 -9.56
N CYS A 353 0.40 18.38 -9.35
CA CYS A 353 0.13 17.04 -9.88
C CYS A 353 0.16 17.01 -11.41
N ARG A 354 -0.44 18.01 -12.05
CA ARG A 354 -0.42 18.08 -13.52
C ARG A 354 0.99 18.32 -14.05
N SER A 355 1.76 19.14 -13.34
CA SER A 355 3.17 19.31 -13.68
C SER A 355 3.89 17.97 -13.61
N ALA A 356 3.57 17.16 -12.61
CA ALA A 356 4.21 15.84 -12.49
C ALA A 356 3.94 14.98 -13.74
N LEU A 357 2.71 15.01 -14.24
CA LEU A 357 2.39 14.24 -15.44
C LEU A 357 3.28 14.65 -16.62
N ASP A 358 3.47 15.95 -16.76
CA ASP A 358 4.32 16.49 -17.83
C ASP A 358 5.77 16.09 -17.65
N TYR A 359 6.28 16.21 -16.43
CA TYR A 359 7.63 15.78 -16.11
C TYR A 359 7.87 14.33 -16.50
N LEU A 360 6.94 13.45 -16.15
CA LEU A 360 7.09 12.02 -16.45
C LEU A 360 7.10 11.77 -17.96
N GLU A 361 6.28 12.52 -18.68
CA GLU A 361 6.21 12.41 -20.14
C GLU A 361 7.56 12.75 -20.81
N LEU A 362 8.36 13.60 -20.18
CA LEU A 362 9.64 14.03 -20.74
C LEU A 362 10.79 13.08 -20.45
N GLN A 363 10.53 12.07 -19.61
CA GLN A 363 11.60 11.18 -19.21
C GLN A 363 11.93 10.16 -20.31
N PRO A 364 13.23 9.96 -20.56
CA PRO A 364 13.75 8.98 -21.53
C PRO A 364 13.46 7.55 -21.10
N ASP A 365 13.37 7.30 -19.80
CA ASP A 365 13.18 5.95 -19.29
C ASP A 365 12.53 5.96 -17.90
N LEU A 366 11.25 5.63 -17.86
CA LEU A 366 10.48 5.71 -16.62
C LEU A 366 10.89 4.63 -15.63
N SER A 367 11.32 3.49 -16.14
CA SER A 367 11.74 2.40 -15.28
C SER A 367 12.88 2.85 -14.35
N ALA A 368 13.60 3.90 -14.72
CA ALA A 368 14.71 4.39 -13.89
C ALA A 368 14.23 5.16 -12.65
N LEU A 369 12.97 5.56 -12.65
CA LEU A 369 12.43 6.36 -11.55
C LEU A 369 11.72 5.46 -10.54
N VAL A 370 11.69 4.17 -10.81
CA VAL A 370 11.00 3.24 -9.93
C VAL A 370 11.77 3.11 -8.61
N ARG A 371 11.06 3.24 -7.50
CA ARG A 371 11.71 3.22 -6.20
C ARG A 371 11.86 1.79 -5.68
N GLY A 372 12.98 1.52 -5.02
CA GLY A 372 13.26 0.20 -4.52
C GLY A 372 14.04 0.28 -3.24
N ALA A 373 14.75 -0.81 -2.91
CA ALA A 373 15.52 -0.86 -1.68
C ALA A 373 16.51 0.30 -1.64
N HIS A 374 17.10 0.63 -2.78
CA HIS A 374 18.09 1.70 -2.83
C HIS A 374 17.51 3.07 -2.44
N THR A 375 16.23 3.28 -2.74
CA THR A 375 15.55 4.53 -2.40
C THR A 375 15.36 4.72 -0.89
N PHE A 376 15.01 3.65 -0.20
CA PHE A 376 14.56 3.76 1.18
C PHE A 376 15.60 3.35 2.20
N ARG A 377 16.75 2.89 1.74
CA ARG A 377 17.80 2.56 2.68
C ARG A 377 18.23 3.82 3.43
N CYS A 378 18.76 3.60 4.63
CA CYS A 378 19.31 4.65 5.47
C CYS A 378 20.17 5.57 4.59
N PRO A 379 19.97 6.91 4.68
CA PRO A 379 19.23 7.74 5.65
C PRO A 379 17.77 8.06 5.33
N ASN A 380 17.21 7.44 4.31
CA ASN A 380 15.89 7.86 3.84
C ASN A 380 14.80 6.93 4.32
N LEU A 381 13.54 7.25 4.00
CA LEU A 381 12.43 6.53 4.60
C LEU A 381 11.18 6.71 3.77
N GLY A 382 10.38 5.67 3.68
CA GLY A 382 9.08 5.77 3.05
C GLY A 382 7.99 5.64 4.12
N LEU A 383 6.94 6.45 4.01
CA LEU A 383 5.85 6.39 4.97
C LEU A 383 4.53 6.50 4.20
N THR A 384 3.72 5.46 4.29
CA THR A 384 2.44 5.43 3.60
C THR A 384 1.33 5.27 4.63
N SER A 385 0.29 6.06 4.49
CA SER A 385 -0.84 5.93 5.40
C SER A 385 -2.01 5.24 4.71
N TRP A 386 -2.59 4.27 5.39
CA TRP A 386 -3.78 3.56 4.91
C TRP A 386 -4.95 3.95 5.78
N VAL A 387 -4.76 5.00 6.57
CA VAL A 387 -5.77 5.41 7.54
C VAL A 387 -7.12 5.78 6.92
N ARG A 388 -7.13 6.36 5.74
CA ARG A 388 -8.42 6.68 5.13
C ARG A 388 -8.81 5.71 4.02
N LEU A 389 -8.19 4.54 4.02
CA LEU A 389 -8.56 3.48 3.09
C LEU A 389 -9.51 2.49 3.77
N PRO A 390 -10.47 1.95 3.00
CA PRO A 390 -11.47 1.00 3.50
C PRO A 390 -10.89 -0.41 3.60
N ILE A 391 -9.78 -0.54 4.32
CA ILE A 391 -9.04 -1.79 4.36
C ILE A 391 -9.73 -2.88 5.19
N HIS A 392 -10.71 -2.51 6.01
CA HIS A 392 -11.43 -3.48 6.83
C HIS A 392 -12.85 -3.75 6.33
N ASP A 393 -13.16 -3.28 5.13
CA ASP A 393 -14.50 -3.44 4.57
C ASP A 393 -14.65 -4.73 3.77
N ALA A 394 -13.63 -5.59 3.78
CA ALA A 394 -13.72 -6.80 2.98
C ALA A 394 -14.44 -7.92 3.73
N ASP A 395 -15.74 -7.76 3.90
CA ASP A 395 -16.60 -8.78 4.52
C ASP A 395 -17.23 -9.66 3.43
N PHE A 396 -16.72 -10.88 3.27
CA PHE A 396 -17.21 -11.80 2.25
C PHE A 396 -18.50 -12.57 2.64
N GLY A 397 -19.01 -12.29 3.83
CA GLY A 397 -20.17 -13.00 4.36
C GLY A 397 -19.86 -13.71 5.67
N TRP A 398 -18.59 -13.70 6.06
CA TRP A 398 -18.20 -14.33 7.32
C TRP A 398 -17.53 -13.36 8.31
N GLY A 399 -17.81 -12.07 8.16
CA GLY A 399 -17.29 -11.07 9.07
C GLY A 399 -16.18 -10.19 8.51
N ARG A 400 -15.97 -9.03 9.14
CA ARG A 400 -14.89 -8.13 8.75
C ARG A 400 -13.56 -8.66 9.28
N PRO A 401 -12.46 -8.32 8.59
CA PRO A 401 -11.13 -8.76 9.04
C PRO A 401 -10.80 -8.16 10.40
N VAL A 402 -10.00 -8.85 11.20
CA VAL A 402 -9.50 -8.27 12.44
C VAL A 402 -8.19 -7.51 12.18
N PHE A 403 -7.59 -7.77 11.01
CA PHE A 403 -6.35 -7.10 10.60
C PHE A 403 -6.15 -7.12 9.10
N MET A 404 -5.66 -6.02 8.56
CA MET A 404 -5.23 -5.98 7.18
C MET A 404 -3.95 -5.15 7.12
N GLY A 405 -2.92 -5.69 6.48
CA GLY A 405 -1.65 -5.00 6.43
C GLY A 405 -0.83 -5.39 5.21
N PRO A 406 0.34 -4.76 5.04
CA PRO A 406 1.28 -5.16 3.99
C PRO A 406 1.75 -6.60 4.22
N GLY A 407 2.07 -7.32 3.16
CA GLY A 407 2.36 -8.73 3.27
C GLY A 407 3.81 -9.16 3.18
N GLY A 408 4.70 -8.47 3.89
CA GLY A 408 6.08 -8.88 3.95
C GLY A 408 7.00 -7.85 3.33
N ILE A 409 7.73 -7.14 4.17
CA ILE A 409 8.65 -6.11 3.71
C ILE A 409 10.05 -6.67 3.65
N ALA A 410 10.66 -6.64 2.47
CA ALA A 410 11.93 -7.33 2.23
C ALA A 410 13.16 -6.49 2.59
N TYR A 411 12.99 -5.19 2.64
CA TYR A 411 14.12 -4.31 2.90
C TYR A 411 13.77 -3.15 3.84
N GLU A 412 14.81 -2.51 4.39
CA GLU A 412 14.64 -1.50 5.44
C GLU A 412 14.15 -0.18 4.87
N GLY A 413 13.52 0.64 5.72
CA GLY A 413 13.19 1.99 5.32
C GLY A 413 11.75 2.22 4.86
N LEU A 414 10.88 1.22 5.04
CA LEU A 414 9.47 1.40 4.71
C LEU A 414 8.60 1.36 5.94
N ALA A 415 7.67 2.30 6.04
CA ALA A 415 6.76 2.34 7.16
C ALA A 415 5.33 2.55 6.69
N PHE A 416 4.39 1.95 7.42
CA PHE A 416 2.98 2.01 7.07
C PHE A 416 2.17 2.39 8.29
N VAL A 417 1.22 3.32 8.13
CA VAL A 417 0.29 3.64 9.20
C VAL A 417 -1.07 2.98 8.94
N LEU A 418 -1.52 2.16 9.89
CA LEU A 418 -2.71 1.36 9.73
C LEU A 418 -3.75 1.75 10.75
N PRO A 419 -4.99 2.00 10.30
CA PRO A 419 -6.08 2.22 11.25
C PRO A 419 -6.45 0.92 11.96
N SER A 420 -7.14 1.02 13.09
CA SER A 420 -7.55 -0.15 13.85
C SER A 420 -8.87 -0.69 13.35
N ALA A 421 -8.99 -2.01 13.25
CA ALA A 421 -10.23 -2.64 12.74
C ALA A 421 -11.43 -2.43 13.67
N ASN A 422 -11.17 -2.37 14.98
CA ASN A 422 -12.28 -2.24 15.93
C ASN A 422 -12.68 -0.79 16.18
N ARG A 423 -12.17 0.11 15.36
CA ARG A 423 -12.59 1.51 15.41
C ARG A 423 -12.32 2.23 16.74
N ASP A 424 -11.39 1.71 17.53
CA ASP A 424 -11.06 2.31 18.83
C ASP A 424 -10.17 3.57 18.73
N GLY A 425 -9.92 4.04 17.51
CA GLY A 425 -9.15 5.25 17.30
C GLY A 425 -7.64 5.09 17.44
N SER A 426 -7.18 3.86 17.70
CA SER A 426 -5.76 3.61 17.76
C SER A 426 -5.20 3.53 16.34
N LEU A 427 -3.88 3.71 16.21
CA LEU A 427 -3.18 3.53 14.94
C LEU A 427 -2.02 2.59 15.19
N SER A 428 -1.57 1.90 14.14
CA SER A 428 -0.34 1.13 14.23
C SER A 428 0.66 1.60 13.20
N VAL A 429 1.93 1.52 13.56
CA VAL A 429 2.99 1.83 12.61
C VAL A 429 3.77 0.55 12.39
N ALA A 430 3.70 0.01 11.18
CA ALA A 430 4.53 -1.11 10.76
C ALA A 430 5.74 -0.56 10.01
N ILE A 431 6.93 -0.99 10.40
CA ILE A 431 8.14 -0.41 9.85
C ILE A 431 9.26 -1.43 9.72
N SER A 432 10.10 -1.24 8.72
CA SER A 432 11.31 -2.05 8.56
C SER A 432 12.52 -1.14 8.71
N LEU A 433 13.54 -1.62 9.42
CA LEU A 433 14.78 -0.89 9.60
C LEU A 433 15.91 -1.91 9.65
N GLN A 434 17.16 -1.46 9.61
CA GLN A 434 18.25 -2.39 9.88
C GLN A 434 18.10 -2.92 11.32
N ALA A 435 18.51 -4.16 11.55
CA ALA A 435 18.31 -4.81 12.85
C ALA A 435 18.85 -3.99 14.02
N GLU A 436 20.07 -3.48 13.88
CA GLU A 436 20.66 -2.67 14.95
C GLU A 436 19.83 -1.40 15.21
N HIS A 437 19.29 -0.81 14.14
CA HIS A 437 18.50 0.41 14.24
C HIS A 437 17.13 0.12 14.85
N MET A 438 16.53 -1.00 14.47
CA MET A 438 15.28 -1.43 15.08
C MET A 438 15.39 -1.63 16.60
N GLU A 439 16.52 -2.17 17.05
CA GLU A 439 16.73 -2.37 18.49
C GLU A 439 16.56 -1.05 19.23
N LYS A 440 17.10 0.02 18.64
CA LYS A 440 17.00 1.35 19.20
C LYS A 440 15.61 1.93 19.03
N PHE A 441 15.06 1.80 17.82
CA PHE A 441 13.76 2.36 17.50
C PHE A 441 12.66 1.89 18.48
N ARG A 442 12.72 0.62 18.85
CA ARG A 442 11.75 0.03 19.77
C ARG A 442 11.66 0.82 21.06
N LYS A 443 12.78 1.37 21.49
CA LYS A 443 12.85 2.10 22.76
C LYS A 443 12.68 3.61 22.59
N LEU A 444 12.50 4.07 21.35
CA LEU A 444 12.29 5.49 21.10
C LEU A 444 10.84 5.84 20.74
N ILE A 445 10.16 4.93 20.05
CA ILE A 445 8.84 5.19 19.50
C ILE A 445 7.80 5.59 20.56
N TYR A 446 7.96 5.08 21.80
CA TYR A 446 7.06 5.44 22.90
C TYR A 446 7.69 6.42 23.88
N ASP A 447 8.85 6.96 23.54
CA ASP A 447 9.64 7.78 24.45
C ASP A 447 9.27 9.25 24.28
N PHE A 448 8.08 9.63 24.74
CA PHE A 448 7.61 11.02 24.64
C PHE A 448 6.61 11.39 25.75
#